data_7Z0E
#
_entry.id   7Z0E
#
_cell.length_a   60.890
_cell.length_b   60.890
_cell.length_c   109.230
_cell.angle_alpha   90.000
_cell.angle_beta   90.000
_cell.angle_gamma   120.000
#
_symmetry.space_group_name_H-M   'P 63'
#
loop_
_entity.id
_entity.type
_entity.pdbx_description
1 polymer Bacteriorhodopsin
2 non-polymer '(2R)-2,3-dihydroxypropyl (9Z)-octadec-9-enoate'
3 non-polymer EICOSANE
4 non-polymer 2,3-DI-PHYTANYL-GLYCEROL
5 non-polymer (6E,10E,14E,18E)-2,6,10,15,19,23-hexamethyltetracosa-2,6,10,14,18,22-hexaene
6 water water
#
_entity_poly.entity_id   1
_entity_poly.type   'polypeptide(L)'
_entity_poly.pdbx_seq_one_letter_code
;QAQITGRPEWIWLALGTALMGLGTLYFLVKGMGVSDPDAKKFYAITTLVPAIAFTMYLSMLLGYGLTMVPFGGEQNPIYW
ARYADWLFTTPLLLLDLALLVDADQGTILALVGADGIMIGTGLVGALTKVYSYRFVWWAISTAAMLYILYVLFFGFTSKA
ESMRPEVASTFKVLRNVTVVLWSAYPVVWLIGSEGAGIVPLNIETLLFMVLDVSA(LYR)VGFGLILLRSRAIFGEAEAP
EPSAGDGAAATS
;
_entity_poly.pdbx_strand_id   P
#
# COMPACT_ATOMS: atom_id res chain seq x y z
N THR A 5 -12.58 19.30 -9.66
CA THR A 5 -13.51 18.65 -8.75
C THR A 5 -14.75 18.07 -9.49
N GLY A 6 -14.60 17.64 -10.73
CA GLY A 6 -15.73 17.08 -11.46
C GLY A 6 -15.94 15.61 -11.14
N ARG A 7 -14.88 14.98 -10.67
N ARG A 7 -14.90 14.99 -10.61
CA ARG A 7 -14.97 13.61 -10.17
CA ARG A 7 -14.98 13.59 -10.19
C ARG A 7 -15.38 13.57 -8.70
C ARG A 7 -15.31 13.49 -8.70
N PRO A 8 -16.40 12.77 -8.40
CA PRO A 8 -16.91 12.68 -7.02
C PRO A 8 -15.85 12.24 -6.04
N GLU A 9 -14.93 11.39 -6.50
CA GLU A 9 -13.91 10.83 -5.63
C GLU A 9 -12.80 11.83 -5.31
N TRP A 10 -12.87 13.02 -5.86
N TRP A 10 -12.83 13.02 -5.94
CA TRP A 10 -11.80 14.01 -5.67
CA TRP A 10 -11.75 14.05 -5.83
C TRP A 10 -11.54 14.29 -4.19
C TRP A 10 -11.46 14.40 -4.37
N ILE A 11 -12.60 14.31 -3.38
N ILE A 11 -12.50 14.47 -3.58
CA ILE A 11 -12.45 14.66 -1.97
CA ILE A 11 -12.34 14.82 -2.19
C ILE A 11 -11.57 13.64 -1.25
C ILE A 11 -11.49 13.78 -1.44
N TRP A 12 -11.70 12.36 -1.59
N TRP A 12 -11.59 12.50 -1.81
CA TRP A 12 -10.89 11.33 -0.95
CA TRP A 12 -10.78 11.49 -1.13
C TRP A 12 -9.45 11.38 -1.45
C TRP A 12 -9.34 11.60 -1.62
N LEU A 13 -9.27 11.73 -2.73
N LEU A 13 -9.16 12.00 -2.86
CA LEU A 13 -7.93 11.91 -3.27
CA LEU A 13 -7.79 12.14 -3.36
C LEU A 13 -7.24 13.11 -2.62
C LEU A 13 -7.18 13.38 -2.71
N ALA A 14 -8.00 14.17 -2.38
N ALA A 14 -7.98 14.39 -2.42
CA ALA A 14 -7.44 15.37 -1.75
CA ALA A 14 -7.43 15.59 -1.82
C ALA A 14 -7.09 15.07 -0.29
C ALA A 14 -7.07 15.36 -0.35
N LEU A 15 -7.98 14.39 0.41
N LEU A 15 -7.98 14.39 0.41
N LEU A 15 -7.92 14.60 0.35
CA LEU A 15 -7.72 14.05 1.80
CA LEU A 15 -7.72 14.05 1.81
CA LEU A 15 -7.65 14.26 1.74
C LEU A 15 -6.53 13.09 1.90
C LEU A 15 -6.53 13.09 1.90
C LEU A 15 -6.46 13.37 1.87
N GLY A 16 -6.46 12.12 0.99
N GLY A 16 -6.28 12.47 0.90
CA GLY A 16 -5.34 11.20 0.94
CA GLY A 16 -5.19 11.53 0.99
C GLY A 16 -4.02 11.94 0.69
C GLY A 16 -3.92 12.28 0.70
N THR A 17 -4.03 12.88 -0.24
N THR A 17 -3.99 13.16 -0.30
CA THR A 17 -2.85 13.68 -0.53
CA THR A 17 -2.84 13.97 -0.64
C THR A 17 -2.39 14.43 0.72
C THR A 17 -2.36 14.66 0.62
N ALA A 18 -3.34 15.08 1.38
N ALA A 18 -3.31 15.25 1.32
CA ALA A 18 -3.06 15.85 2.59
CA ALA A 18 -3.05 15.99 2.54
C ALA A 18 -2.52 14.95 3.71
C ALA A 18 -2.51 15.14 3.68
N LEU A 19 -3.17 13.82 3.94
N LEU A 19 -3.12 13.98 3.92
CA LEU A 19 -2.74 12.95 5.03
CA LEU A 19 -2.72 13.09 4.99
C LEU A 19 -1.37 12.31 4.78
C LEU A 19 -1.33 12.53 4.70
N MET A 20 -1.09 11.92 3.55
N MET A 20 -1.04 12.30 3.43
CA MET A 20 0.23 11.39 3.22
CA MET A 20 0.28 11.83 3.08
C MET A 20 1.31 12.46 3.33
C MET A 20 1.38 12.92 3.21
N GLY A 21 0.98 13.69 2.91
N GLY A 21 1.09 14.14 2.75
CA GLY A 21 1.90 14.80 3.01
CA GLY A 21 2.05 15.23 2.85
C GLY A 21 2.27 15.13 4.44
C GLY A 21 2.41 15.52 4.29
N LEU A 22 1.24 15.18 5.28
N LEU A 22 1.24 15.18 5.29
N LEU A 22 1.37 15.63 5.10
CA LEU A 22 1.43 15.50 6.70
CA LEU A 22 1.43 15.51 6.70
CA LEU A 22 1.55 15.86 6.51
C LEU A 22 2.17 14.39 7.42
C LEU A 22 2.17 14.39 7.43
C LEU A 22 2.29 14.72 7.19
N GLY A 23 1.86 13.15 7.06
N GLY A 23 2.00 13.48 6.83
CA GLY A 23 2.58 12.01 7.61
CA GLY A 23 2.65 12.35 7.46
C GLY A 23 4.05 12.05 7.23
C GLY A 23 4.15 12.34 7.21
N THR A 24 4.34 12.35 5.97
N THR A 24 4.51 12.59 5.94
CA THR A 24 5.72 12.48 5.51
CA THR A 24 5.89 12.59 5.46
C THR A 24 6.48 13.54 6.32
C THR A 24 6.59 13.64 6.25
N LEU A 25 5.88 14.71 6.45
CA LEU A 25 6.52 15.81 7.17
C LEU A 25 6.73 15.46 8.64
N TYR A 26 5.75 14.80 9.25
CA TYR A 26 5.90 14.40 10.65
C TYR A 26 7.05 13.40 10.83
N PHE A 27 7.11 12.39 9.97
N PHE A 27 7.21 12.51 9.88
CA PHE A 27 8.17 11.39 10.06
CA PHE A 27 8.33 11.62 9.98
C PHE A 27 9.53 12.02 9.77
C PHE A 27 9.65 12.28 9.62
N LEU A 28 9.55 12.97 8.85
N LEU A 28 9.55 12.97 8.85
N LEU A 28 9.63 13.34 8.82
CA LEU A 28 10.78 13.71 8.52
CA LEU A 28 10.76 13.73 8.53
CA LEU A 28 10.88 13.98 8.47
C LEU A 28 11.32 14.44 9.75
C LEU A 28 11.32 14.44 9.75
C LEU A 28 11.39 14.64 9.69
N VAL A 29 10.44 15.18 10.43
CA VAL A 29 10.83 15.95 11.60
C VAL A 29 11.23 15.01 12.73
N LYS A 30 10.44 13.97 12.92
CA LYS A 30 10.69 13.01 14.02
C LYS A 30 12.05 12.35 13.87
N GLY A 31 12.45 12.09 12.63
CA GLY A 31 13.70 11.38 12.37
C GLY A 31 14.91 12.27 12.43
N MET A 32 14.66 13.58 12.37
N MET A 32 14.68 13.58 12.41
CA MET A 32 15.70 14.58 12.61
CA MET A 32 15.77 14.51 12.66
C MET A 32 16.47 14.27 13.89
C MET A 32 16.47 14.12 13.92
N GLY A 33 17.78 14.10 13.77
CA GLY A 33 18.66 13.96 14.89
C GLY A 33 19.06 12.54 15.14
N VAL A 34 18.34 11.57 14.59
CA VAL A 34 18.59 10.16 14.88
C VAL A 34 19.95 9.70 14.35
N SER A 35 20.78 9.15 15.22
CA SER A 35 22.15 8.79 14.86
C SER A 35 22.35 7.27 14.77
N ASP A 36 21.53 6.52 15.50
CA ASP A 36 21.62 5.07 15.49
C ASP A 36 21.42 4.52 14.09
N PRO A 37 22.42 3.79 13.56
CA PRO A 37 22.35 3.26 12.20
C PRO A 37 21.11 2.42 11.92
N ASP A 38 20.73 1.56 12.86
CA ASP A 38 19.55 0.72 12.70
C ASP A 38 18.29 1.56 12.62
N ALA A 39 18.19 2.54 13.50
CA ALA A 39 17.03 3.43 13.54
C ALA A 39 16.94 4.28 12.27
N LYS A 40 18.09 4.70 11.75
CA LYS A 40 18.15 5.45 10.50
C LYS A 40 17.51 4.71 9.34
N LYS A 41 17.79 3.41 9.24
CA LYS A 41 17.16 2.57 8.25
C LYS A 41 15.66 2.60 8.35
N PHE A 42 15.13 2.39 9.56
CA PHE A 42 13.69 2.35 9.73
C PHE A 42 13.05 3.71 9.43
N TYR A 43 13.68 4.79 9.87
N TYR A 43 13.66 4.76 10.02
CA TYR A 43 13.16 6.13 9.56
CA TYR A 43 13.24 6.15 9.87
C TYR A 43 13.19 6.40 8.06
C TYR A 43 13.24 6.53 8.43
N ALA A 44 14.25 5.97 7.39
N ALA A 44 14.28 6.11 7.72
CA ALA A 44 14.37 6.20 5.94
CA ALA A 44 14.34 6.30 6.29
C ALA A 44 13.26 5.49 5.18
C ALA A 44 13.16 5.67 5.59
N ILE A 45 13.14 4.20 5.43
N ILE A 45 12.90 4.40 5.86
CA ILE A 45 12.12 3.39 4.79
CA ILE A 45 11.79 3.74 5.19
C ILE A 45 10.73 3.94 5.06
C ILE A 45 10.46 4.43 5.54
N THR A 46 10.47 4.23 6.33
N THR A 46 10.26 4.76 6.81
CA THR A 46 9.14 4.56 6.80
CA THR A 46 8.95 5.20 7.27
C THR A 46 8.72 5.98 6.42
C THR A 46 8.66 6.62 6.81
N THR A 47 9.68 6.86 6.16
N THR A 47 9.71 7.36 6.53
CA THR A 47 9.38 8.22 5.70
CA THR A 47 9.57 8.69 6.00
C THR A 47 9.16 8.22 4.19
C THR A 47 9.37 8.64 4.47
N LEU A 48 9.93 7.39 3.50
N LEU A 48 9.93 7.39 3.50
N LEU A 48 10.09 7.71 3.82
CA LEU A 48 9.83 7.28 2.04
CA LEU A 48 9.83 7.28 2.06
CA LEU A 48 10.12 7.58 2.35
C LEU A 48 8.47 6.77 1.60
C LEU A 48 8.47 6.77 1.60
C LEU A 48 8.80 7.06 1.77
N VAL A 49 7.88 5.87 2.39
N VAL A 49 8.10 6.23 2.53
CA VAL A 49 6.62 5.25 2.02
CA VAL A 49 6.84 5.63 2.08
C VAL A 49 5.49 6.29 1.84
C VAL A 49 5.75 6.71 1.82
N PRO A 50 5.21 7.14 2.85
N PRO A 50 5.47 7.57 2.82
CA PRO A 50 4.15 8.11 2.57
CA PRO A 50 4.45 8.60 2.63
C PRO A 50 4.59 9.24 1.63
C PRO A 50 4.87 9.73 1.69
N ALA A 51 5.90 9.44 1.48
N ALA A 51 6.17 9.87 1.48
CA ALA A 51 6.36 10.45 0.52
CA ALA A 51 6.65 10.82 0.48
C ALA A 51 5.99 10.04 -0.91
C ALA A 51 6.35 10.34 -0.94
N ILE A 52 6.22 8.77 -1.22
N ILE A 52 6.55 9.04 -1.21
CA ILE A 52 5.85 8.22 -2.52
CA ILE A 52 6.15 8.47 -2.50
C ILE A 52 4.34 8.25 -2.71
C ILE A 52 4.62 8.60 -2.63
N ALA A 53 3.62 7.84 -1.66
N ALA A 53 3.89 8.18 -1.60
CA ALA A 53 2.17 7.82 -1.70
CA ALA A 53 2.43 8.22 -1.63
C ALA A 53 1.60 9.22 -1.89
C ALA A 53 1.87 9.62 -1.83
N PHE A 54 2.21 10.22 -1.24
N PHE A 54 2.45 10.62 -1.18
CA PHE A 54 1.82 11.61 -1.43
CA PHE A 54 2.04 12.01 -1.42
C PHE A 54 1.89 11.98 -2.91
C PHE A 54 2.09 12.35 -2.94
N THR A 55 3.00 11.65 -3.57
N THR A 55 3.17 11.96 -3.59
CA THR A 55 3.15 12.04 -4.98
CA THR A 55 3.31 12.21 -5.02
C THR A 55 2.11 11.33 -5.85
C THR A 55 2.36 11.42 -5.89
N MET A 56 1.79 10.08 -5.53
N MET A 56 2.04 10.18 -5.52
CA MET A 56 0.85 9.34 -6.36
CA MET A 56 1.09 9.41 -6.29
C MET A 56 -0.58 9.73 -6.08
C MET A 56 -0.34 9.94 -6.08
N TYR A 57 -0.90 10.04 -4.83
N TYR A 57 -0.68 10.30 -4.85
CA TYR A 57 -2.20 10.60 -4.53
CA TYR A 57 -2.02 10.81 -4.56
C TYR A 57 -2.39 11.94 -5.23
C TYR A 57 -2.25 12.15 -5.25
N LEU A 58 -1.33 12.76 -5.23
N LEU A 58 -1.23 13.01 -5.23
CA LEU A 58 -1.39 14.05 -5.89
CA LEU A 58 -1.31 14.29 -5.95
C LEU A 58 -1.62 13.85 -7.39
C LEU A 58 -1.47 14.04 -7.45
N SER A 59 -1.04 12.82 -7.99
N SER A 59 -0.99 12.83 -7.95
N SER A 59 -0.74 13.07 -7.99
CA SER A 59 -1.16 12.62 -9.44
CA SER A 59 -1.10 12.54 -9.37
CA SER A 59 -0.91 12.68 -9.39
C SER A 59 -2.54 12.06 -9.80
C SER A 59 -2.53 12.13 -9.74
C SER A 59 -2.34 12.29 -9.78
N MET A 60 -3.17 11.38 -8.85
N MET A 60 -3.05 11.60 -8.87
CA MET A 60 -4.57 10.99 -9.02
CA MET A 60 -4.42 11.13 -9.13
C MET A 60 -5.49 12.19 -8.89
C MET A 60 -5.37 12.30 -8.98
N LEU A 61 -5.23 13.03 -7.89
CA LEU A 61 -6.02 14.23 -7.65
C LEU A 61 -6.02 15.14 -8.87
N LEU A 62 -4.85 15.32 -9.47
CA LEU A 62 -4.71 16.25 -10.59
C LEU A 62 -5.11 15.60 -11.92
N GLY A 63 -5.33 14.28 -11.90
CA GLY A 63 -5.84 13.60 -13.07
C GLY A 63 -4.82 12.89 -13.93
N TYR A 64 -3.53 13.07 -13.61
N TYR A 64 -3.52 13.08 -13.60
CA TYR A 64 -2.48 12.43 -14.38
CA TYR A 64 -2.40 12.46 -14.36
C TYR A 64 -2.49 10.92 -14.19
C TYR A 64 -2.32 10.91 -14.27
N GLY A 65 -2.80 10.49 -12.98
N GLY A 65 -2.36 10.35 -13.07
CA GLY A 65 -2.72 9.08 -12.63
CA GLY A 65 -2.48 8.90 -12.93
C GLY A 65 -3.97 8.29 -12.98
C GLY A 65 -3.87 8.27 -13.06
N LEU A 66 -4.78 8.83 -13.87
CA LEU A 66 -6.03 8.19 -14.29
C LEU A 66 -5.99 7.85 -15.78
N THR A 67 -6.49 6.68 -16.15
CA THR A 67 -6.68 6.34 -17.56
C THR A 67 -8.02 5.67 -17.76
N MET A 68 -8.46 5.58 -19.00
CA MET A 68 -9.73 4.93 -19.32
C MET A 68 -9.45 3.59 -19.97
N VAL A 69 -10.05 2.53 -19.42
CA VAL A 69 -9.87 1.19 -19.97
C VAL A 69 -11.20 0.67 -20.48
N PRO A 70 -11.24 0.28 -21.76
CA PRO A 70 -12.48 -0.28 -22.31
C PRO A 70 -12.67 -1.74 -21.92
N PHE A 71 -13.68 -2.03 -21.13
CA PHE A 71 -14.12 -3.40 -20.92
C PHE A 71 -15.59 -3.39 -20.49
N GLY A 72 -16.28 -4.50 -20.76
CA GLY A 72 -17.70 -4.57 -20.53
C GLY A 72 -18.43 -3.59 -21.42
N GLY A 73 -17.80 -3.25 -22.53
CA GLY A 73 -18.35 -2.29 -23.48
C GLY A 73 -18.59 -0.92 -22.89
N GLU A 74 -17.72 -0.53 -21.96
CA GLU A 74 -17.79 0.79 -21.37
C GLU A 74 -16.38 1.31 -21.22
N GLN A 75 -16.24 2.62 -21.03
CA GLN A 75 -14.94 3.22 -20.80
C GLN A 75 -14.81 3.31 -19.28
N ASN A 76 -13.88 2.59 -18.69
CA ASN A 76 -13.83 2.53 -17.23
C ASN A 76 -12.66 3.33 -16.67
N PRO A 77 -12.94 4.26 -15.74
CA PRO A 77 -11.87 5.02 -15.07
C PRO A 77 -10.99 4.13 -14.20
N ILE A 78 -9.72 4.01 -14.56
CA ILE A 78 -8.78 3.21 -13.79
C ILE A 78 -7.62 4.08 -13.32
N TYR A 79 -7.47 4.20 -12.00
N TYR A 79 -7.28 4.08 -12.02
CA TYR A 79 -6.36 4.95 -11.44
CA TYR A 79 -6.20 4.93 -11.50
C TYR A 79 -5.11 4.05 -11.42
C TYR A 79 -4.84 4.24 -11.38
N TRP A 80 -4.30 4.17 -12.46
N TRP A 80 -4.01 4.31 -12.42
CA TRP A 80 -3.11 3.33 -12.59
CA TRP A 80 -2.84 3.45 -12.47
C TRP A 80 -2.02 3.77 -11.62
C TRP A 80 -1.82 3.89 -11.43
N ALA A 81 -2.10 5.02 -11.15
N ALA A 81 -1.96 5.10 -10.93
CA ALA A 81 -1.07 5.54 -10.27
CA ALA A 81 -1.01 5.63 -9.97
C ALA A 81 -0.95 4.77 -8.96
C ALA A 81 -1.19 4.96 -8.60
N ARG A 82 -2.05 4.12 -8.54
N ARG A 82 -2.31 4.31 -8.39
CA ARG A 82 -2.01 3.27 -7.37
CA ARG A 82 -2.46 3.55 -7.17
C ARG A 82 -0.91 2.22 -7.46
C ARG A 82 -1.40 2.49 -7.09
N TYR A 83 -0.75 1.64 -8.65
N TYR A 83 -1.18 1.87 -8.24
CA TYR A 83 0.20 0.55 -8.81
CA TYR A 83 -0.37 0.67 -8.37
C TYR A 83 1.63 1.06 -8.83
C TYR A 83 1.09 1.06 -8.37
N ALA A 84 1.84 2.26 -9.36
N ALA A 84 1.40 2.16 -9.02
CA ALA A 84 3.16 2.87 -9.31
CA ALA A 84 2.75 2.71 -8.96
C ALA A 84 3.58 3.15 -7.87
C ALA A 84 3.16 2.98 -7.51
N ASP A 85 2.62 3.60 -7.07
N ASP A 85 2.29 3.66 -6.75
CA ASP A 85 2.79 3.76 -5.63
CA ASP A 85 2.48 3.88 -5.30
C ASP A 85 3.18 2.43 -5.00
C ASP A 85 2.78 2.56 -4.67
N TRP A 86 2.27 1.46 -5.10
N TRP A 86 1.92 1.57 -4.90
CA TRP A 86 2.41 0.20 -4.41
CA TRP A 86 2.07 0.28 -4.26
C TRP A 86 3.64 -0.60 -4.84
C TRP A 86 3.38 -0.39 -4.70
N LEU A 87 4.03 -0.45 -6.09
N LEU A 87 3.82 -0.22 -5.95
CA LEU A 87 5.22 -1.12 -6.59
CA LEU A 87 4.98 -0.97 -6.47
C LEU A 87 6.44 -0.84 -5.72
C LEU A 87 6.21 -0.68 -5.61
N PHE A 88 6.54 0.40 -5.23
N PHE A 88 6.33 0.59 -5.21
CA PHE A 88 7.66 0.76 -4.38
CA PHE A 88 7.47 1.10 -4.44
C PHE A 88 7.33 0.72 -2.89
C PHE A 88 7.28 0.98 -2.94
N THR A 89 6.12 1.12 -2.50
N THR A 89 6.06 1.19 -2.47
CA THR A 89 5.84 1.25 -1.08
CA THR A 89 5.86 1.29 -1.05
C THR A 89 5.59 -0.11 -0.41
C THR A 89 5.69 -0.07 -0.36
N THR A 90 4.97 -1.07 -1.12
N THR A 90 4.99 -1.01 -1.00
CA THR A 90 4.69 -2.33 -0.44
CA THR A 90 4.76 -2.31 -0.35
C THR A 90 5.97 -3.16 -0.20
C THR A 90 6.06 -3.09 -0.13
N PRO A 91 6.95 -3.18 -1.13
CA PRO A 91 8.18 -3.87 -0.70
C PRO A 91 8.92 -3.12 0.41
N LEU A 92 8.83 -1.79 0.44
CA LEU A 92 9.45 -1.04 1.52
C LEU A 92 8.82 -1.40 2.86
N LEU A 93 7.50 -1.53 2.89
N LEU A 93 7.51 -1.48 2.99
CA LEU A 93 6.82 -1.93 4.12
CA LEU A 93 6.93 -1.98 4.23
C LEU A 93 7.25 -3.34 4.55
C LEU A 93 7.47 -3.33 4.62
N LEU A 94 7.37 -4.25 3.59
N LEU A 94 7.54 -4.23 3.65
CA LEU A 94 7.86 -5.59 3.91
CA LEU A 94 7.94 -5.59 3.95
C LEU A 94 9.30 -5.55 4.41
C LEU A 94 9.36 -5.57 4.43
N LEU A 95 10.11 -4.64 3.87
CA LEU A 95 11.49 -4.49 4.30
C LEU A 95 11.56 -4.04 5.76
N ASP A 96 10.67 -3.13 6.15
N ASP A 96 10.75 -3.06 6.21
CA ASP A 96 10.53 -2.73 7.55
CA ASP A 96 10.55 -2.75 7.67
C ASP A 96 10.35 -3.96 8.44
C ASP A 96 10.36 -3.99 8.57
N LEU A 97 9.41 -4.82 8.04
N LEU A 97 9.41 -4.84 8.18
CA LEU A 97 9.13 -6.04 8.81
CA LEU A 97 9.16 -6.07 8.93
C LEU A 97 10.32 -6.99 8.84
C LEU A 97 10.38 -6.99 8.87
N ALA A 98 10.95 -7.18 7.67
CA ALA A 98 12.07 -8.09 7.54
C ALA A 98 13.29 -7.64 8.35
N LEU A 99 13.56 -6.35 8.33
CA LEU A 99 14.70 -5.80 9.07
C LEU A 99 14.47 -5.89 10.56
N LEU A 100 13.21 -5.70 10.96
N LEU A 100 13.21 -5.68 10.94
CA LEU A 100 12.80 -5.87 12.35
CA LEU A 100 12.78 -5.87 12.33
C LEU A 100 13.29 -7.20 12.91
C LEU A 100 13.29 -7.19 12.89
N VAL A 101 13.00 -8.28 12.18
CA VAL A 101 13.24 -9.65 12.66
C VAL A 101 14.57 -10.21 12.19
N ASP A 102 15.38 -9.36 11.59
CA ASP A 102 16.68 -9.68 11.02
C ASP A 102 16.59 -10.84 10.03
N ALA A 103 15.59 -10.77 9.16
CA ALA A 103 15.33 -11.79 8.16
C ALA A 103 16.56 -12.08 7.34
N ASP A 104 16.78 -13.37 7.00
N ASP A 104 16.82 -13.31 6.91
CA ASP A 104 17.73 -13.82 5.99
CA ASP A 104 17.91 -13.47 6.04
C ASP A 104 17.57 -13.03 4.67
C ASP A 104 17.56 -13.17 4.60
N GLN A 105 18.63 -13.01 3.83
CA GLN A 105 18.51 -12.30 2.57
C GLN A 105 17.61 -13.08 1.62
N GLY A 106 17.66 -14.41 1.71
CA GLY A 106 16.84 -15.23 0.85
C GLY A 106 15.36 -14.95 1.07
N THR A 107 14.99 -14.79 2.33
CA THR A 107 13.61 -14.51 2.70
C THR A 107 13.20 -13.12 2.23
N ILE A 108 14.09 -12.15 2.35
CA ILE A 108 13.81 -10.80 1.88
C ILE A 108 13.57 -10.81 0.38
N LEU A 109 14.44 -11.52 -0.37
CA LEU A 109 14.24 -11.56 -1.82
C LEU A 109 12.92 -12.26 -2.17
N ALA A 110 12.56 -13.31 -1.44
CA ALA A 110 11.31 -14.02 -1.71
C ALA A 110 10.12 -13.03 -1.51
N LEU A 111 10.17 -12.25 -0.44
CA LEU A 111 9.09 -11.32 -0.12
C LEU A 111 8.97 -10.21 -1.17
N VAL A 112 10.10 -9.60 -1.51
CA VAL A 112 10.11 -8.50 -2.47
C VAL A 112 9.75 -8.99 -3.88
N GLY A 113 10.23 -10.16 -4.24
CA GLY A 113 9.90 -10.75 -5.53
C GLY A 113 8.41 -11.08 -5.62
N ALA A 114 7.87 -11.71 -4.59
CA ALA A 114 6.46 -12.05 -4.57
C ALA A 114 5.62 -10.78 -4.60
N ASP A 115 6.16 -9.80 -3.90
N ASP A 115 6.18 -9.78 -3.93
N ASP A 115 6.14 -9.74 -3.96
CA ASP A 115 5.44 -8.50 -3.84
CA ASP A 115 5.52 -8.49 -3.78
CA ASP A 115 5.41 -8.51 -3.78
C ASP A 115 5.34 -7.83 -5.28
C ASP A 115 5.42 -7.76 -5.11
C ASP A 115 5.30 -7.78 -5.08
N GLY A 116 6.48 -7.86 -5.91
N GLY A 116 6.39 -7.74 -5.83
CA GLY A 116 6.55 -7.35 -7.27
CA GLY A 116 6.40 -7.25 -7.19
C GLY A 116 5.57 -8.07 -8.19
C GLY A 116 5.39 -7.98 -8.04
N ILE A 117 5.49 -9.38 -8.04
N ILE A 117 5.29 -9.28 -7.86
CA ILE A 117 4.53 -10.16 -8.83
CA ILE A 117 4.38 -10.03 -8.69
C ILE A 117 3.10 -9.75 -8.46
C ILE A 117 2.97 -9.57 -8.31
N MET A 118 2.83 -9.59 -7.16
N MET A 118 2.71 -9.40 -7.01
CA MET A 118 1.51 -9.18 -6.70
CA MET A 118 1.37 -9.04 -6.52
C MET A 118 1.07 -7.86 -7.35
C MET A 118 0.86 -7.72 -7.11
N ILE A 119 1.94 -6.86 -7.32
N ILE A 119 1.73 -6.72 -7.09
CA ILE A 119 1.58 -5.54 -7.84
CA ILE A 119 1.37 -5.40 -7.58
C ILE A 119 1.56 -5.54 -9.37
C ILE A 119 1.36 -5.38 -9.11
N GLY A 120 2.54 -6.20 -9.97
N GLY A 120 2.40 -5.93 -9.72
CA GLY A 120 2.62 -6.26 -11.41
CA GLY A 120 2.45 -6.05 -11.16
C GLY A 120 1.40 -6.94 -12.04
C GLY A 120 1.25 -6.76 -11.79
N THR A 121 0.98 -8.06 -11.45
N THR A 121 0.89 -7.94 -11.29
CA THR A 121 -0.19 -8.76 -11.98
CA THR A 121 -0.27 -8.64 -11.81
C THR A 121 -1.47 -8.00 -11.65
C THR A 121 -1.57 -7.90 -11.47
N GLY A 122 -1.50 -7.29 -10.52
N GLY A 122 -1.68 -7.27 -10.29
CA GLY A 122 -2.61 -6.41 -10.22
CA GLY A 122 -2.85 -6.47 -9.98
C GLY A 122 -2.76 -5.34 -11.26
C GLY A 122 -3.03 -5.37 -11.01
N LEU A 123 -1.63 -4.77 -11.69
N LEU A 123 -1.93 -4.71 -11.31
CA LEU A 123 -1.62 -3.74 -12.72
CA LEU A 123 -1.97 -3.66 -12.30
C LEU A 123 -2.10 -4.29 -14.07
C LEU A 123 -2.34 -4.17 -13.72
N VAL A 124 -1.60 -5.47 -14.45
N VAL A 124 -1.75 -5.28 -14.19
CA VAL A 124 -2.05 -6.10 -15.68
CA VAL A 124 -2.18 -5.90 -15.46
C VAL A 124 -3.56 -6.34 -15.63
C VAL A 124 -3.68 -6.21 -15.44
N GLY A 125 -4.04 -6.84 -14.50
N GLY A 125 -4.16 -6.70 -14.29
CA GLY A 125 -5.47 -7.05 -14.32
CA GLY A 125 -5.57 -6.98 -14.10
C GLY A 125 -6.25 -5.75 -14.46
C GLY A 125 -6.39 -5.71 -14.18
N ALA A 126 -5.72 -4.69 -13.88
N ALA A 126 -5.80 -4.63 -13.71
CA ALA A 126 -6.38 -3.38 -13.88
CA ALA A 126 -6.42 -3.32 -13.84
C ALA A 126 -6.50 -2.81 -15.30
C ALA A 126 -6.56 -2.88 -15.32
N LEU A 127 -5.57 -3.18 -16.16
CA LEU A 127 -5.54 -2.63 -17.51
C LEU A 127 -6.04 -3.59 -18.59
N THR A 128 -6.43 -4.79 -18.20
CA THR A 128 -6.88 -5.80 -19.14
C THR A 128 -8.25 -5.50 -19.73
N LYS A 129 -8.34 -5.59 -21.05
CA LYS A 129 -9.57 -5.28 -21.75
C LYS A 129 -10.59 -6.38 -21.87
N VAL A 130 -10.19 -7.60 -21.70
CA VAL A 130 -11.12 -8.73 -21.65
C VAL A 130 -11.59 -9.01 -20.22
N TYR A 131 -12.84 -8.71 -19.96
N TYR A 131 -12.86 -8.72 -19.97
CA TYR A 131 -13.38 -8.66 -18.62
CA TYR A 131 -13.41 -8.69 -18.61
C TYR A 131 -13.06 -9.91 -17.81
C TYR A 131 -13.16 -9.92 -17.75
N SER A 132 -13.35 -11.09 -18.34
N SER A 132 -13.35 -11.09 -18.34
N SER A 132 -13.35 -11.11 -18.31
CA SER A 132 -13.08 -12.36 -17.68
CA SER A 132 -13.11 -12.28 -17.54
CA SER A 132 -13.18 -12.32 -17.51
C SER A 132 -11.61 -12.51 -17.27
C SER A 132 -11.61 -12.51 -17.27
C SER A 132 -11.74 -12.56 -17.11
N TYR A 133 -10.71 -12.05 -18.12
N TYR A 133 -10.82 -12.15 -17.97
CA TYR A 133 -9.29 -12.23 -17.83
CA TYR A 133 -9.40 -12.32 -17.69
C TYR A 133 -8.82 -11.35 -16.68
C TYR A 133 -8.94 -11.44 -16.54
N ARG A 134 -9.52 -10.24 -16.43
CA ARG A 134 -9.14 -9.37 -15.30
C ARG A 134 -9.09 -10.17 -13.99
N PHE A 135 -9.99 -11.14 -13.85
CA PHE A 135 -10.08 -11.90 -12.61
C PHE A 135 -9.07 -13.03 -12.53
N VAL A 136 -8.57 -13.45 -13.68
CA VAL A 136 -7.43 -14.38 -13.70
C VAL A 136 -6.22 -13.70 -13.08
N TRP A 137 -5.95 -12.46 -13.50
N TRP A 137 -6.07 -12.41 -13.33
CA TRP A 137 -4.84 -11.71 -12.93
CA TRP A 137 -4.99 -11.68 -12.73
C TRP A 137 -5.05 -11.43 -11.46
C TRP A 137 -5.21 -11.35 -11.24
N TRP A 138 -6.29 -11.10 -11.08
N TRP A 138 -6.43 -10.99 -10.88
CA TRP A 138 -6.64 -10.95 -9.68
CA TRP A 138 -6.73 -10.75 -9.48
C TRP A 138 -6.28 -12.19 -8.87
C TRP A 138 -6.39 -11.96 -8.63
N ALA A 139 -6.59 -13.36 -9.42
N ALA A 139 -6.75 -13.15 -9.11
CA ALA A 139 -6.34 -14.61 -8.68
CA ALA A 139 -6.42 -14.40 -8.42
C ALA A 139 -4.85 -14.85 -8.48
C ALA A 139 -4.92 -14.59 -8.26
N ILE A 140 -4.06 -14.60 -9.51
N ILE A 140 -4.17 -14.49 -9.34
CA ILE A 140 -2.62 -14.78 -9.44
CA ILE A 140 -2.73 -14.73 -9.26
C ILE A 140 -2.01 -13.80 -8.43
C ILE A 140 -2.17 -13.76 -8.24
N SER A 141 -2.46 -12.55 -8.48
N SER A 141 -2.58 -12.52 -8.34
CA SER A 141 -1.99 -11.53 -7.55
CA SER A 141 -2.11 -11.47 -7.45
C SER A 141 -2.33 -11.91 -6.12
C SER A 141 -2.43 -11.84 -6.04
N THR A 142 -3.53 -12.43 -5.91
N THR A 142 -3.60 -12.43 -5.86
CA THR A 142 -4.00 -12.85 -4.59
CA THR A 142 -4.00 -12.84 -4.53
C THR A 142 -3.16 -14.04 -4.10
C THR A 142 -3.20 -14.06 -4.09
N ALA A 143 -2.80 -14.95 -5.00
CA ALA A 143 -1.92 -16.05 -4.63
C ALA A 143 -0.57 -15.53 -4.15
N ALA A 144 -0.04 -14.53 -4.83
CA ALA A 144 1.22 -13.92 -4.41
C ALA A 144 1.08 -13.27 -3.03
N MET A 145 -0.04 -12.60 -2.79
N MET A 145 -0.05 -12.60 -2.79
CA MET A 145 -0.31 -12.01 -1.48
CA MET A 145 -0.32 -11.97 -1.48
C MET A 145 -0.35 -13.06 -0.39
C MET A 145 -0.37 -13.04 -0.40
N LEU A 146 -1.03 -14.17 -0.68
CA LEU A 146 -1.16 -15.25 0.29
C LEU A 146 0.21 -15.85 0.59
N TYR A 147 1.06 -15.94 -0.42
CA TYR A 147 2.43 -16.39 -0.20
C TYR A 147 3.16 -15.46 0.76
N ILE A 148 3.05 -14.16 0.52
CA ILE A 148 3.66 -13.15 1.39
C ILE A 148 3.16 -13.31 2.83
N LEU A 149 1.86 -13.44 3.01
CA LEU A 149 1.29 -13.57 4.35
C LEU A 149 1.78 -14.85 5.03
N TYR A 150 1.89 -15.93 4.24
CA TYR A 150 2.43 -17.19 4.73
C TYR A 150 3.85 -17.02 5.28
N VAL A 151 4.70 -16.35 4.51
CA VAL A 151 6.06 -16.13 4.93
C VAL A 151 6.11 -15.28 6.19
N LEU A 152 5.26 -14.26 6.27
CA LEU A 152 5.23 -13.41 7.47
C LEU A 152 4.92 -14.22 8.73
N PHE A 153 4.10 -15.27 8.61
CA PHE A 153 3.73 -16.06 9.78
C PHE A 153 4.56 -17.31 9.99
N PHE A 154 5.12 -17.83 8.92
CA PHE A 154 5.73 -19.14 9.01
C PHE A 154 7.16 -19.16 8.52
N GLY A 155 7.60 -18.00 8.02
CA GLY A 155 8.93 -17.84 7.47
C GLY A 155 10.03 -17.27 8.37
N PHE A 156 9.71 -16.88 9.59
CA PHE A 156 10.72 -16.34 10.50
C PHE A 156 10.86 -17.31 11.64
N THR A 157 11.01 -18.59 11.30
CA THR A 157 11.10 -19.66 12.29
C THR A 157 12.44 -19.77 13.02
N SER A 158 13.48 -19.22 12.43
CA SER A 158 14.81 -19.27 13.01
C SER A 158 15.09 -18.04 13.84
N LYS A 159 14.25 -17.02 13.65
CA LYS A 159 14.36 -15.72 14.33
C LYS A 159 13.43 -15.47 15.53
N ALA A 160 13.21 -16.51 16.32
CA ALA A 160 12.35 -16.44 17.50
C ALA A 160 13.10 -16.71 18.80
N GLU A 161 14.11 -17.59 18.76
CA GLU A 161 14.83 -17.84 19.99
C GLU A 161 15.95 -16.84 20.17
N SER A 162 16.10 -15.91 19.25
CA SER A 162 17.19 -14.96 19.45
C SER A 162 16.74 -13.52 19.42
N MET A 163 15.44 -13.36 19.24
CA MET A 163 14.82 -12.10 19.11
C MET A 163 14.61 -11.41 20.42
N ARG A 164 14.93 -10.09 20.48
CA ARG A 164 14.64 -9.25 21.69
C ARG A 164 13.10 -9.17 21.86
N PRO A 165 12.62 -9.26 23.11
CA PRO A 165 11.18 -9.20 23.35
C PRO A 165 10.51 -7.96 22.76
N GLU A 166 11.17 -6.80 22.71
CA GLU A 166 10.48 -5.66 22.12
C GLU A 166 10.44 -5.79 20.61
N VAL A 167 11.46 -6.42 20.02
CA VAL A 167 11.40 -6.69 18.58
C VAL A 167 10.23 -7.62 18.27
N ALA A 168 10.10 -8.69 19.05
CA ALA A 168 9.02 -9.65 18.85
C ALA A 168 7.66 -8.99 19.00
N SER A 169 7.55 -8.15 20.01
CA SER A 169 6.29 -7.49 20.31
C SER A 169 5.84 -6.55 19.20
N THR A 170 6.75 -5.69 18.76
CA THR A 170 6.45 -4.73 17.73
C THR A 170 6.21 -5.44 16.40
N PHE A 171 6.99 -6.49 16.14
CA PHE A 171 6.80 -7.26 14.91
C PHE A 171 5.42 -7.90 14.89
N LYS A 172 5.04 -8.53 16.01
N LYS A 172 5.05 -8.67 15.93
CA LYS A 172 3.75 -9.20 16.07
CA LYS A 172 3.76 -9.45 15.93
C LYS A 172 2.60 -8.22 15.83
C LYS A 172 2.54 -8.54 15.78
N VAL A 173 2.69 -7.03 16.41
N VAL A 173 2.62 -7.39 16.45
CA VAL A 173 1.67 -6.00 16.20
CA VAL A 173 1.69 -6.29 16.26
C VAL A 173 1.61 -5.58 14.74
C VAL A 173 1.65 -5.91 14.77
N LEU A 174 2.77 -5.27 14.18
N LEU A 174 2.79 -5.56 14.17
CA LEU A 174 2.83 -4.79 12.80
CA LEU A 174 2.81 -5.13 12.76
C LEU A 174 2.44 -5.87 11.79
C LEU A 174 2.42 -6.23 11.78
N ARG A 175 2.75 -7.13 12.11
N ARG A 175 2.72 -7.48 12.09
CA ARG A 175 2.36 -8.23 11.25
CA ARG A 175 2.24 -8.57 11.27
C ARG A 175 0.84 -8.37 11.22
C ARG A 175 0.70 -8.67 11.32
N ASN A 176 0.22 -8.23 12.38
N ASN A 176 0.12 -8.58 12.51
CA ASN A 176 -1.25 -8.32 12.45
CA ASN A 176 -1.33 -8.48 12.66
C ASN A 176 -1.91 -7.17 11.71
C ASN A 176 -1.98 -7.29 11.97
N VAL A 177 -1.38 -5.96 11.86
N VAL A 177 -1.32 -6.14 12.01
CA VAL A 177 -1.89 -4.81 11.13
CA VAL A 177 -1.72 -4.96 11.24
C VAL A 177 -1.77 -5.05 9.63
C VAL A 177 -1.61 -5.36 9.78
N THR A 178 -0.62 -5.61 9.22
N THR A 178 -0.44 -5.79 9.35
CA THR A 178 -0.37 -5.89 7.82
CA THR A 178 -0.25 -6.16 7.96
C THR A 178 -1.34 -6.92 7.24
C THR A 178 -1.34 -7.10 7.41
N VAL A 179 -1.55 -8.02 7.96
N VAL A 179 -1.66 -8.16 8.14
CA VAL A 179 -2.42 -9.06 7.45
CA VAL A 179 -2.68 -9.11 7.69
C VAL A 179 -3.85 -8.56 7.33
C VAL A 179 -4.05 -8.48 7.44
N VAL A 180 -4.32 -7.82 8.33
N VAL A 180 -4.52 -7.70 8.41
CA VAL A 180 -5.69 -7.33 8.28
CA VAL A 180 -5.87 -7.16 8.36
C VAL A 180 -5.86 -6.30 7.17
C VAL A 180 -5.96 -6.07 7.30
N LEU A 181 -4.97 -5.32 7.08
N LEU A 181 -4.86 -5.35 7.13
CA LEU A 181 -5.12 -4.26 6.10
CA LEU A 181 -4.81 -4.25 6.18
C LEU A 181 -4.87 -4.75 4.68
C LEU A 181 -4.56 -4.69 4.72
N TRP A 182 -3.78 -5.48 4.47
N TRP A 182 -3.59 -5.58 4.51
CA TRP A 182 -3.43 -5.92 3.13
CA TRP A 182 -3.19 -6.03 3.18
C TRP A 182 -4.50 -6.86 2.55
C TRP A 182 -4.37 -6.76 2.52
N SER A 183 -5.08 -7.71 3.40
N SER A 183 -5.05 -7.60 3.33
CA SER A 183 -6.08 -8.67 2.92
CA SER A 183 -6.19 -8.42 2.90
C SER A 183 -7.34 -7.96 2.39
C SER A 183 -7.44 -7.66 2.45
N ALA A 184 -7.57 -6.73 2.85
N ALA A 184 -7.58 -6.41 2.87
CA ALA A 184 -8.73 -5.98 2.38
CA ALA A 184 -8.76 -5.65 2.54
C ALA A 184 -8.58 -5.49 0.94
C ALA A 184 -8.61 -5.20 1.10
N TYR A 185 -7.35 -5.25 0.50
N TYR A 185 -7.36 -5.04 0.68
CA TYR A 185 -7.13 -4.68 -0.84
CA TYR A 185 -7.09 -4.51 -0.66
C TYR A 185 -7.70 -5.55 -1.97
C TYR A 185 -7.69 -5.30 -1.81
N PRO A 186 -7.42 -6.87 -1.97
N PRO A 186 -7.51 -6.63 -1.81
CA PRO A 186 -8.04 -7.64 -3.06
CA PRO A 186 -8.12 -7.45 -2.88
C PRO A 186 -9.57 -7.66 -3.00
C PRO A 186 -9.63 -7.51 -2.78
N VAL A 187 -10.14 -7.54 -1.82
N VAL A 187 -10.10 -7.48 -1.55
CA VAL A 187 -11.60 -7.48 -1.71
CA VAL A 187 -11.52 -7.44 -1.31
C VAL A 187 -12.14 -6.20 -2.32
C VAL A 187 -12.09 -6.12 -1.80
N VAL A 188 -11.53 -5.07 -1.98
N VAL A 188 -11.40 -5.02 -1.56
CA VAL A 188 -11.97 -3.78 -2.51
CA VAL A 188 -11.88 -3.78 -2.11
C VAL A 188 -11.85 -3.75 -4.04
C VAL A 188 -11.82 -3.77 -3.64
N TRP A 189 -10.74 -4.27 -4.56
N TRP A 189 -10.74 -4.31 -4.20
CA TRP A 189 -10.51 -4.36 -6.00
CA TRP A 189 -10.58 -4.42 -5.65
C TRP A 189 -11.60 -5.20 -6.67
C TRP A 189 -11.73 -5.20 -6.23
N LEU A 190 -11.88 -6.35 -6.07
N LEU A 190 -12.01 -6.35 -5.63
CA LEU A 190 -12.82 -7.30 -6.63
CA LEU A 190 -13.04 -7.22 -6.16
C LEU A 190 -14.23 -6.74 -6.74
C LEU A 190 -14.43 -6.54 -6.13
N ILE A 191 -14.65 -5.98 -5.73
N ILE A 191 -14.80 -5.91 -5.02
CA ILE A 191 -16.01 -5.45 -5.70
CA ILE A 191 -16.14 -5.36 -4.92
C ILE A 191 -16.12 -4.05 -6.32
C ILE A 191 -16.29 -4.05 -5.70
N GLY A 192 -15.00 -3.38 -6.51
N GLY A 192 -15.15 -3.40 -5.98
CA GLY A 192 -15.01 -2.03 -7.03
CA GLY A 192 -15.12 -2.11 -6.66
C GLY A 192 -14.94 -1.91 -8.55
C GLY A 192 -15.25 -2.09 -8.18
N SER A 193 -14.55 -0.73 -9.02
N SER A 193 -14.55 -0.73 -9.02
N SER A 193 -14.82 -0.99 -8.80
CA SER A 193 -14.59 -0.43 -10.45
CA SER A 193 -14.52 -0.38 -10.43
CA SER A 193 -15.13 -0.74 -10.21
C SER A 193 -13.59 -1.24 -11.29
C SER A 193 -13.59 -1.24 -11.29
C SER A 193 -14.14 -1.34 -11.19
N GLU A 194 -12.53 -1.77 -10.69
N GLU A 194 -12.69 -1.92 -10.61
N GLU A 194 -13.01 -1.78 -10.68
CA GLU A 194 -11.61 -2.66 -11.40
CA GLU A 194 -11.64 -2.62 -11.31
CA GLU A 194 -12.02 -2.48 -11.47
C GLU A 194 -12.18 -4.01 -11.66
C GLU A 194 -11.98 -4.10 -11.45
C GLU A 194 -12.39 -3.92 -11.67
N GLY A 195 -13.05 -4.48 -10.74
N GLY A 195 -13.23 -4.41 -10.74
CA GLY A 195 -13.54 -5.83 -10.80
CA GLY A 195 -13.66 -5.80 -10.70
C GLY A 195 -14.99 -5.89 -11.19
C GLY A 195 -15.12 -5.91 -11.06
N ALA A 196 -15.81 -6.34 -10.25
N ALA A 196 -15.95 -6.27 -10.08
CA ALA A 196 -17.23 -6.61 -10.52
CA ALA A 196 -17.35 -6.63 -10.32
C ALA A 196 -18.07 -5.35 -10.65
C ALA A 196 -18.22 -5.41 -10.41
N GLY A 197 -17.56 -4.20 -10.19
N GLY A 197 -17.64 -4.27 -10.04
CA GLY A 197 -18.27 -2.94 -10.30
CA GLY A 197 -18.27 -2.98 -10.23
C GLY A 197 -19.60 -2.81 -9.55
C GLY A 197 -19.65 -2.97 -9.63
N ILE A 198 -19.62 -3.42 -8.39
CA ILE A 198 -20.77 -3.44 -7.46
C ILE A 198 -20.67 -2.22 -6.49
N VAL A 199 -19.46 -1.78 -6.22
CA VAL A 199 -19.25 -0.59 -5.40
C VAL A 199 -18.73 0.53 -6.31
N PRO A 200 -19.34 1.72 -6.23
CA PRO A 200 -18.95 2.83 -7.12
C PRO A 200 -17.53 3.31 -6.88
N LEU A 201 -16.92 3.91 -7.91
CA LEU A 201 -15.54 4.37 -7.83
C LEU A 201 -15.30 5.33 -6.68
N ASN A 202 -16.28 6.18 -6.40
CA ASN A 202 -16.08 7.13 -5.30
CA ASN A 202 -16.25 7.10 -5.28
C ASN A 202 -15.97 6.41 -3.94
N ILE A 203 -16.76 5.38 -3.69
CA ILE A 203 -16.64 4.65 -2.44
C ILE A 203 -15.37 3.80 -2.42
N GLU A 204 -15.05 3.21 -3.56
N GLU A 204 -15.05 3.21 -3.56
N GLU A 204 -15.06 3.26 -3.62
CA GLU A 204 -13.81 2.46 -3.71
CA GLU A 204 -13.82 2.46 -3.69
CA GLU A 204 -13.83 2.51 -3.89
C GLU A 204 -12.60 3.33 -3.36
C GLU A 204 -12.60 3.33 -3.36
C GLU A 204 -12.61 3.36 -3.63
N THR A 205 -12.60 4.56 -3.85
N THR A 205 -12.56 4.57 -4.17
CA THR A 205 -11.50 5.48 -3.61
CA THR A 205 -11.43 5.46 -3.95
C THR A 205 -11.41 5.82 -2.12
C THR A 205 -11.25 5.82 -2.46
N LEU A 206 -12.56 6.00 -1.48
N LEU A 206 -12.36 6.14 -1.79
CA LEU A 206 -12.61 6.21 -0.04
CA LEU A 206 -12.40 6.44 -0.36
C LEU A 206 -12.00 5.03 0.70
C LEU A 206 -11.79 5.31 0.46
N LEU A 207 -12.38 3.82 0.32
N LEU A 207 -12.24 4.09 0.20
CA LEU A 207 -11.88 2.61 0.97
CA LEU A 207 -11.75 2.94 0.95
C LEU A 207 -10.36 2.47 0.84
C LEU A 207 -10.25 2.76 0.78
N PHE A 208 -9.83 2.68 -0.37
N PHE A 208 -9.76 2.89 -0.45
CA PHE A 208 -8.39 2.62 -0.54
CA PHE A 208 -8.34 2.68 -0.74
C PHE A 208 -7.65 3.72 0.24
C PHE A 208 -7.55 3.81 -0.12
N MET A 209 -8.11 4.97 0.26
N MET A 209 -8.28 4.86 0.43
N MET A 209 -8.20 4.95 0.05
CA MET A 209 -7.57 5.98 1.15
CA MET A 209 -7.60 5.92 1.13
CA MET A 209 -7.58 6.06 0.73
C MET A 209 -7.41 5.43 2.56
C MET A 209 -7.45 5.58 2.61
C MET A 209 -7.44 5.75 2.21
N VAL A 210 -8.53 5.06 3.17
N VAL A 210 -8.51 5.21 2.80
CA VAL A 210 -8.50 4.67 4.57
CA VAL A 210 -8.46 4.91 4.21
C VAL A 210 -7.48 3.55 4.76
C VAL A 210 -7.39 3.90 4.48
N LEU A 211 -7.51 2.56 3.87
N LEU A 211 -7.33 2.88 3.62
CA LEU A 211 -6.53 1.49 3.93
CA LEU A 211 -6.32 1.85 3.78
C LEU A 211 -5.10 2.01 3.78
C LEU A 211 -4.91 2.40 3.51
N ASP A 212 -4.87 2.85 2.77
N ASP A 212 -4.76 3.22 2.48
CA ASP A 212 -3.54 3.38 2.49
CA ASP A 212 -3.47 3.76 2.10
C ASP A 212 -2.97 4.18 3.65
C ASP A 212 -2.93 4.60 3.24
N VAL A 213 -3.78 5.09 4.20
N VAL A 213 -3.80 5.43 3.81
CA VAL A 213 -3.29 5.94 5.28
CA VAL A 213 -3.40 6.25 4.94
C VAL A 213 -3.01 5.08 6.50
C VAL A 213 -3.04 5.47 6.20
N SER A 214 -3.88 4.10 6.75
N SER A 214 -3.75 4.38 6.50
CA SER A 214 -3.69 3.18 7.86
CA SER A 214 -3.38 3.59 7.66
C SER A 214 -2.43 2.32 7.69
C SER A 214 -2.05 2.86 7.40
N ALA A 215 -2.21 1.81 6.48
N ALA A 215 -1.80 2.43 6.17
CA ALA A 215 -1.11 0.87 6.21
CA ALA A 215 -0.55 1.74 5.86
C ALA A 215 0.24 1.56 6.11
C ALA A 215 0.67 2.67 5.76
N VAL A 217 0.82 5.50 7.23
N VAL A 217 0.83 5.96 6.82
CA VAL A 217 1.02 6.41 8.34
CA VAL A 217 1.03 6.79 8.01
C VAL A 217 0.70 5.73 9.66
C VAL A 217 0.85 6.01 9.33
N GLY A 218 -0.38 4.95 9.71
N GLY A 218 -0.30 5.36 9.51
CA GLY A 218 -0.72 4.21 10.92
CA GLY A 218 -0.57 4.58 10.72
C GLY A 218 0.38 3.24 11.30
C GLY A 218 0.52 3.60 11.16
N PHE A 219 0.75 2.39 10.34
N PHE A 219 0.81 2.63 10.30
CA PHE A 219 1.86 1.45 10.46
CA PHE A 219 1.79 1.57 10.52
C PHE A 219 3.13 2.16 10.92
C PHE A 219 3.13 2.16 10.92
N GLY A 220 3.44 3.27 10.27
CA GLY A 220 4.64 4.03 10.59
C GLY A 220 4.66 4.61 12.00
N LEU A 221 3.52 5.09 12.46
CA LEU A 221 3.42 5.62 13.81
C LEU A 221 3.70 4.55 14.84
N ILE A 222 3.17 3.35 14.60
CA ILE A 222 3.39 2.23 15.50
C ILE A 222 4.87 1.83 15.52
N LEU A 223 5.47 1.75 14.34
CA LEU A 223 6.87 1.33 14.23
C LEU A 223 7.84 2.36 14.84
N LEU A 224 7.67 3.62 14.46
N LEU A 224 7.75 3.63 14.48
CA LEU A 224 8.64 4.65 14.82
CA LEU A 224 8.79 4.54 14.96
C LEU A 224 8.52 5.14 16.27
C LEU A 224 8.72 4.69 16.45
N ARG A 225 7.50 4.66 16.96
CA ARG A 225 7.33 4.95 18.38
C ARG A 225 7.98 3.87 19.23
N SER A 226 8.31 2.73 18.63
CA SER A 226 8.84 1.57 19.37
CA SER A 226 8.83 1.58 19.39
C SER A 226 10.38 1.60 19.55
N ARG A 227 10.92 1.04 20.67
CA ARG A 227 12.41 0.87 20.91
C ARG A 227 12.99 -0.23 20.04
N ALA A 228 12.09 -0.93 19.37
CA ALA A 228 12.50 -2.02 18.54
C ALA A 228 13.41 -1.55 17.41
N ILE A 229 13.28 -0.29 16.99
CA ILE A 229 14.04 0.19 15.83
C ILE A 229 15.48 0.57 16.19
N PHE A 230 15.79 0.60 17.48
CA PHE A 230 17.13 0.94 17.93
C PHE A 230 17.95 -0.29 18.24
N GLY A 231 19.22 -0.26 17.86
CA GLY A 231 20.14 -1.29 18.25
C GLY A 231 20.12 -1.36 19.77
N GLU A 232 20.52 -2.48 20.37
CA GLU A 232 20.59 -2.46 21.84
C GLU A 232 21.89 -1.62 22.11
N ALA A 233 21.84 -0.61 22.95
CA ALA A 233 23.02 0.24 23.22
C ALA A 233 22.95 0.61 24.68
N GLU A 234 24.10 0.87 25.32
CA GLU A 234 24.14 1.17 26.72
C GLU A 234 24.12 2.68 26.83
#